data_1ZWP
#
_entry.id   1ZWP
#
_cell.length_a   52.273
_cell.length_b   52.273
_cell.length_c   47.804
_cell.angle_alpha   90.00
_cell.angle_beta   90.00
_cell.angle_gamma   90.00
#
_symmetry.space_group_name_H-M   'P 43'
#
loop_
_entity.id
_entity.type
_entity.pdbx_description
1 polymer 'Phospholipase A2 VRV-PL-VIIIa'
2 non-polymer 'SULFATE ION'
3 non-polymer 4-NITRO-2-PHENOXYMETHANESULFONANILIDE
4 non-polymer METHANOL
5 water water
#
_entity_poly.entity_id   1
_entity_poly.type   'polypeptide(L)'
_entity_poly.pdbx_seq_one_letter_code
;SLLEFGKMILEETGKLAIPSYSSYGCYCGWGGKGTPKDATDRCCFVHDCCYGNLPDCNPKSDRYKYKRVNGAIVCEKGTS
CENRICECDKAAAICFRQNLNTYSKKYMLYPDFLCKGELKC
;
_entity_poly.pdbx_strand_id   A
#
# COMPACT_ATOMS: atom_id res chain seq x y z
N SER A 1 7.47 -8.49 -1.17
CA SER A 1 8.10 -7.77 -2.30
C SER A 1 7.03 -6.95 -2.99
N LEU A 2 7.46 -5.97 -3.74
CA LEU A 2 6.56 -5.09 -4.47
C LEU A 2 5.66 -5.87 -5.42
N LEU A 3 6.23 -6.84 -6.13
N LEU A 3 6.23 -6.85 -6.11
CA LEU A 3 5.40 -7.65 -7.04
CA LEU A 3 5.46 -7.65 -7.03
C LEU A 3 4.35 -8.44 -6.28
C LEU A 3 4.37 -8.45 -6.29
N GLU A 4 4.71 -9.01 -5.12
CA GLU A 4 3.74 -9.75 -4.31
C GLU A 4 2.66 -8.80 -3.81
N PHE A 5 3.05 -7.61 -3.39
CA PHE A 5 2.06 -6.64 -2.96
C PHE A 5 1.12 -6.34 -4.12
N GLY A 6 1.64 -6.19 -5.31
CA GLY A 6 0.79 -5.90 -6.46
C GLY A 6 -0.18 -7.02 -6.75
N LYS A 7 0.22 -8.26 -6.57
CA LYS A 7 -0.70 -9.38 -6.76
C LYS A 7 -1.75 -9.37 -5.67
N MET A 8 -1.37 -9.08 -4.44
CA MET A 8 -2.30 -8.97 -3.36
C MET A 8 -3.35 -7.86 -3.62
N ILE A 9 -2.89 -6.73 -4.13
CA ILE A 9 -3.78 -5.63 -4.47
C ILE A 9 -4.78 -6.06 -5.54
N LEU A 10 -4.30 -6.70 -6.58
CA LEU A 10 -5.20 -7.14 -7.65
C LEU A 10 -6.21 -8.15 -7.08
N GLU A 11 -5.75 -9.11 -6.29
CA GLU A 11 -6.65 -10.09 -5.69
C GLU A 11 -7.72 -9.45 -4.87
N GLU A 12 -7.34 -8.44 -4.08
N GLU A 12 -7.33 -8.43 -4.15
CA GLU A 12 -8.29 -7.79 -3.20
CA GLU A 12 -8.22 -7.84 -3.22
C GLU A 12 -9.29 -6.95 -3.97
C GLU A 12 -9.24 -6.92 -3.92
N THR A 13 -8.78 -6.15 -4.90
CA THR A 13 -9.55 -5.05 -5.48
C THR A 13 -10.06 -5.23 -6.88
N GLY A 14 -9.44 -6.13 -7.64
CA GLY A 14 -9.69 -6.23 -9.07
C GLY A 14 -9.06 -5.16 -9.91
N LYS A 15 -8.30 -4.23 -9.30
CA LYS A 15 -7.49 -3.27 -10.02
C LYS A 15 -6.07 -3.71 -10.07
N LEU A 16 -5.43 -3.48 -11.20
CA LEU A 16 -4.01 -3.69 -11.34
C LEU A 16 -3.24 -2.65 -10.55
N ALA A 17 -2.24 -3.09 -9.78
CA ALA A 17 -1.48 -2.19 -8.96
C ALA A 17 -0.84 -1.10 -9.81
N ILE A 18 -0.24 -1.50 -10.91
CA ILE A 18 0.18 -0.59 -11.97
C ILE A 18 -0.93 -0.74 -13.06
N PRO A 19 -1.70 0.31 -13.32
CA PRO A 19 -1.55 1.68 -12.99
C PRO A 19 -2.43 2.24 -11.88
N SER A 20 -3.26 1.42 -11.25
CA SER A 20 -4.28 2.01 -10.38
C SER A 20 -3.76 2.57 -9.07
N TYR A 21 -2.66 2.00 -8.55
CA TYR A 21 -2.14 2.37 -7.24
C TYR A 21 -0.66 2.71 -7.28
N SER A 22 -0.05 2.86 -8.45
CA SER A 22 1.38 3.10 -8.57
C SER A 22 1.73 4.56 -8.62
N SER A 23 0.76 5.43 -8.85
N SER A 23 0.76 5.41 -8.90
CA SER A 23 1.00 6.85 -8.98
CA SER A 23 0.99 6.84 -8.97
C SER A 23 -0.17 7.70 -8.45
C SER A 23 -0.26 7.60 -8.56
N TYR A 24 -0.86 7.18 -7.47
CA TYR A 24 -2.12 7.73 -7.02
C TYR A 24 -1.90 8.71 -5.88
N GLY A 25 -2.47 9.89 -6.00
CA GLY A 25 -2.38 10.87 -4.96
C GLY A 25 -0.96 11.21 -4.59
N CYS A 26 -0.77 11.54 -3.31
CA CYS A 26 0.49 11.97 -2.81
C CYS A 26 1.36 10.88 -2.27
N TYR A 27 0.79 9.73 -1.95
CA TYR A 27 1.54 8.69 -1.25
C TYR A 27 1.60 7.34 -1.91
N CYS A 28 0.78 7.07 -2.90
CA CYS A 28 0.78 5.75 -3.49
C CYS A 28 1.81 5.64 -4.56
N GLY A 29 2.72 4.70 -4.38
CA GLY A 29 3.70 4.39 -5.42
C GLY A 29 4.88 5.31 -5.33
N TRP A 30 4.66 6.52 -4.82
CA TRP A 30 5.70 7.45 -4.41
C TRP A 30 5.16 8.30 -3.27
N GLY A 31 5.79 8.21 -2.09
CA GLY A 31 5.64 9.20 -1.01
C GLY A 31 6.13 10.54 -1.52
N GLY A 32 6.52 11.48 -0.65
CA GLY A 32 6.46 11.39 0.79
C GLY A 32 6.09 12.73 1.41
N LYS A 33 5.24 13.49 0.74
CA LYS A 33 4.85 14.82 1.23
C LYS A 33 3.41 15.08 0.93
N GLY A 34 2.82 16.03 1.64
CA GLY A 34 1.48 16.46 1.34
C GLY A 34 0.42 15.87 2.26
N THR A 35 -0.75 16.46 2.18
CA THR A 35 -1.93 15.89 2.79
C THR A 35 -2.50 14.86 1.85
N PRO A 36 -2.66 13.62 2.30
CA PRO A 36 -3.24 12.60 1.42
C PRO A 36 -4.56 13.08 0.83
N LYS A 37 -4.80 12.72 -0.40
CA LYS A 37 -5.92 13.28 -1.12
C LYS A 37 -7.27 12.71 -0.73
N ASP A 38 -7.31 11.47 -0.25
CA ASP A 38 -8.54 10.77 0.03
C ASP A 38 -8.19 9.54 0.84
N ALA A 39 -9.18 8.71 1.10
CA ALA A 39 -8.96 7.55 1.96
C ALA A 39 -7.98 6.57 1.31
N THR A 40 -8.09 6.32 0.02
CA THR A 40 -7.15 5.46 -0.67
C THR A 40 -5.73 5.96 -0.50
N ASP A 41 -5.51 7.26 -0.69
CA ASP A 41 -4.19 7.82 -0.50
C ASP A 41 -3.75 7.67 0.95
N ARG A 42 -4.68 7.77 1.91
CA ARG A 42 -4.30 7.53 3.29
C ARG A 42 -3.89 6.07 3.51
N CYS A 43 -4.45 5.13 2.78
CA CYS A 43 -3.94 3.77 2.86
C CYS A 43 -2.46 3.74 2.51
N CYS A 44 -2.08 4.47 1.47
CA CYS A 44 -0.71 4.54 1.07
C CYS A 44 0.17 5.27 2.05
N PHE A 45 -0.34 6.34 2.63
CA PHE A 45 0.40 7.04 3.66
C PHE A 45 0.75 6.10 4.80
N VAL A 46 -0.26 5.39 5.29
CA VAL A 46 -0.03 4.47 6.40
C VAL A 46 0.89 3.34 5.99
N HIS A 47 0.76 2.86 4.77
CA HIS A 47 1.63 1.80 4.29
C HIS A 47 3.06 2.27 4.23
N ASP A 48 3.28 3.50 3.81
CA ASP A 48 4.61 4.09 3.80
C ASP A 48 5.14 4.19 5.21
N CYS A 49 4.33 4.63 6.17
CA CYS A 49 4.74 4.66 7.55
C CYS A 49 5.09 3.26 8.05
N CYS A 50 4.31 2.28 7.64
CA CYS A 50 4.46 0.90 8.06
C CYS A 50 5.82 0.37 7.61
N TYR A 51 6.17 0.63 6.35
CA TYR A 51 7.49 0.31 5.88
C TYR A 51 8.56 1.10 6.58
N GLY A 52 8.27 2.36 6.88
CA GLY A 52 9.20 3.22 7.59
C GLY A 52 9.53 2.71 8.99
N ASN A 53 8.61 1.93 9.58
N ASN A 53 8.69 1.90 9.55
CA ASN A 53 8.76 1.22 10.87
CA ASN A 53 9.00 1.37 10.81
C ASN A 53 9.89 0.16 10.76
C ASN A 53 9.97 0.20 10.76
N LEU A 54 10.34 -0.18 9.54
CA LEU A 54 11.20 -1.36 9.26
C LEU A 54 12.46 -0.95 8.51
N PRO A 55 13.27 -0.07 9.13
CA PRO A 55 14.40 0.53 8.41
C PRO A 55 15.49 -0.46 7.99
N ASP A 56 15.50 -1.64 8.70
CA ASP A 56 16.48 -2.64 8.38
C ASP A 56 15.89 -3.83 7.59
N CYS A 57 14.71 -3.61 7.04
CA CYS A 57 14.09 -4.56 6.13
C CYS A 57 14.09 -3.95 4.75
N ASN A 58 13.74 -4.79 3.74
CA ASN A 58 13.82 -4.41 2.35
C ASN A 58 12.52 -4.83 1.67
N PRO A 59 11.46 -4.05 1.91
CA PRO A 59 10.13 -4.42 1.45
C PRO A 59 9.95 -4.47 -0.04
N LYS A 60 10.77 -3.80 -0.82
CA LYS A 60 10.63 -3.89 -2.27
C LYS A 60 10.96 -5.25 -2.81
N SER A 61 11.97 -5.91 -2.24
CA SER A 61 12.48 -7.11 -2.78
C SER A 61 12.26 -8.33 -1.95
N ASP A 62 12.15 -8.23 -0.63
CA ASP A 62 12.09 -9.42 0.21
C ASP A 62 10.71 -10.04 0.05
N ARG A 63 10.69 -11.35 -0.22
CA ARG A 63 9.46 -12.09 -0.46
C ARG A 63 8.96 -12.73 0.81
N TYR A 64 7.66 -12.68 0.98
CA TYR A 64 6.96 -13.35 2.06
C TYR A 64 5.94 -14.31 1.45
N LYS A 65 5.45 -15.20 2.29
CA LYS A 65 4.39 -16.12 1.92
C LYS A 65 3.13 -15.78 2.71
N TYR A 66 2.01 -15.95 2.04
CA TYR A 66 0.72 -15.81 2.71
C TYR A 66 -0.24 -16.77 2.06
N LYS A 67 -1.34 -17.02 2.76
CA LYS A 67 -2.40 -17.84 2.27
C LYS A 67 -3.72 -17.11 2.53
N ARG A 68 -4.78 -17.68 1.97
CA ARG A 68 -6.13 -17.25 2.20
C ARG A 68 -6.87 -18.25 3.04
N VAL A 69 -7.60 -17.79 4.04
CA VAL A 69 -8.45 -18.67 4.82
C VAL A 69 -9.83 -18.03 4.67
N ASN A 70 -10.68 -18.64 3.83
CA ASN A 70 -11.93 -17.99 3.41
C ASN A 70 -11.86 -16.48 3.06
N GLY A 71 -11.15 -16.11 2.02
CA GLY A 71 -10.93 -14.65 1.77
C GLY A 71 -9.92 -13.92 2.69
N ALA A 72 -9.77 -14.36 3.93
CA ALA A 72 -8.86 -13.64 4.82
C ALA A 72 -7.40 -13.91 4.44
N ILE A 73 -6.56 -12.89 4.51
CA ILE A 73 -5.14 -13.02 4.28
C ILE A 73 -4.48 -13.43 5.59
N VAL A 74 -3.70 -14.49 5.54
CA VAL A 74 -2.92 -14.96 6.65
C VAL A 74 -1.46 -14.99 6.26
N CYS A 75 -0.66 -14.10 6.85
CA CYS A 75 0.76 -14.09 6.62
C CYS A 75 1.38 -15.32 7.26
N GLU A 76 2.16 -16.07 6.52
CA GLU A 76 2.81 -17.28 7.03
C GLU A 76 4.17 -16.89 7.57
N LYS A 77 4.73 -17.69 8.43
CA LYS A 77 5.92 -17.31 9.15
C LYS A 77 7.14 -17.43 8.25
N GLY A 78 7.92 -16.37 8.14
CA GLY A 78 9.19 -16.28 7.45
C GLY A 78 10.17 -15.66 8.42
N THR A 79 11.07 -14.86 7.89
CA THR A 79 11.95 -14.09 8.72
C THR A 79 11.13 -12.98 9.42
N SER A 80 11.69 -12.36 10.45
N SER A 80 11.66 -12.35 10.46
CA SER A 80 10.97 -11.27 11.12
CA SER A 80 10.91 -11.30 11.10
C SER A 80 10.64 -10.16 10.13
C SER A 80 10.63 -10.15 10.14
N CYS A 81 11.57 -9.78 9.29
CA CYS A 81 11.29 -8.75 8.30
C CYS A 81 10.17 -9.18 7.40
N GLU A 82 10.18 -10.41 6.91
CA GLU A 82 9.13 -10.87 6.01
C GLU A 82 7.78 -10.82 6.68
N ASN A 83 7.68 -11.23 7.93
CA ASN A 83 6.42 -11.20 8.63
C ASN A 83 5.89 -9.79 8.74
N ARG A 84 6.76 -8.87 9.09
CA ARG A 84 6.35 -7.49 9.30
C ARG A 84 5.99 -6.82 7.97
N ILE A 85 6.74 -7.07 6.93
CA ILE A 85 6.41 -6.58 5.62
C ILE A 85 5.04 -7.10 5.19
N CYS A 86 4.81 -8.39 5.34
CA CYS A 86 3.53 -8.97 5.00
C CYS A 86 2.40 -8.28 5.72
N GLU A 87 2.55 -8.02 7.01
CA GLU A 87 1.49 -7.37 7.76
C GLU A 87 1.22 -5.96 7.22
N CYS A 88 2.26 -5.23 6.82
CA CYS A 88 2.05 -3.93 6.22
C CYS A 88 1.25 -4.03 4.94
N ASP A 89 1.63 -4.98 4.09
CA ASP A 89 1.00 -5.14 2.78
C ASP A 89 -0.44 -5.59 2.91
N LYS A 90 -0.68 -6.58 3.77
CA LYS A 90 -2.02 -7.05 4.07
C LYS A 90 -2.93 -5.88 4.47
N ALA A 91 -2.46 -5.06 5.39
CA ALA A 91 -3.26 -3.94 5.86
C ALA A 91 -3.57 -3.01 4.71
N ALA A 92 -2.59 -2.70 3.89
CA ALA A 92 -2.83 -1.79 2.78
C ALA A 92 -3.82 -2.38 1.80
N ALA A 93 -3.71 -3.65 1.47
CA ALA A 93 -4.64 -4.26 0.54
C ALA A 93 -6.05 -4.24 1.06
N ILE A 94 -6.23 -4.56 2.33
CA ILE A 94 -7.54 -4.46 3.00
C ILE A 94 -8.04 -3.02 2.95
N CYS A 95 -7.18 -2.07 3.24
CA CYS A 95 -7.52 -0.66 3.22
C CYS A 95 -7.98 -0.26 1.83
N PHE A 96 -7.28 -0.68 0.80
CA PHE A 96 -7.71 -0.34 -0.54
C PHE A 96 -9.10 -0.90 -0.81
N ARG A 97 -9.34 -2.12 -0.42
CA ARG A 97 -10.65 -2.74 -0.60
C ARG A 97 -11.73 -1.96 0.14
N GLN A 98 -11.41 -1.53 1.36
N GLN A 98 -11.42 -1.56 1.38
CA GLN A 98 -12.37 -0.82 2.18
CA GLN A 98 -12.38 -0.81 2.20
C GLN A 98 -12.68 0.57 1.64
C GLN A 98 -12.72 0.53 1.58
N ASN A 99 -11.84 1.08 0.76
CA ASN A 99 -12.00 2.43 0.24
C ASN A 99 -12.19 2.47 -1.25
N LEU A 100 -12.47 1.33 -1.85
CA LEU A 100 -12.71 1.31 -3.27
C LEU A 100 -13.87 2.21 -3.68
N ASN A 101 -14.85 2.31 -2.77
N ASN A 101 -14.89 2.35 -2.84
CA ASN A 101 -16.03 3.15 -2.95
CA ASN A 101 -16.04 3.14 -3.24
C ASN A 101 -15.72 4.59 -3.27
C ASN A 101 -15.79 4.66 -3.16
N THR A 102 -14.59 5.09 -2.81
CA THR A 102 -14.24 6.49 -3.01
C THR A 102 -13.00 6.65 -3.89
N TYR A 103 -12.43 5.57 -4.41
CA TYR A 103 -11.31 5.66 -5.32
C TYR A 103 -11.70 6.61 -6.48
N SER A 104 -10.82 7.53 -6.83
N SER A 104 -10.79 7.50 -6.83
CA SER A 104 -11.08 8.50 -7.90
CA SER A 104 -11.05 8.40 -7.93
C SER A 104 -9.93 8.49 -8.92
C SER A 104 -9.91 8.42 -8.92
N LYS A 105 -10.26 8.18 -10.17
CA LYS A 105 -9.27 8.17 -11.23
C LYS A 105 -8.57 9.52 -11.41
N LYS A 106 -9.17 10.62 -10.99
CA LYS A 106 -8.51 11.93 -11.09
C LYS A 106 -7.23 12.02 -10.27
N TYR A 107 -7.02 11.10 -9.31
CA TYR A 107 -5.79 11.10 -8.56
C TYR A 107 -4.71 10.20 -9.14
N MET A 108 -4.98 9.48 -10.22
CA MET A 108 -3.89 8.80 -10.93
C MET A 108 -2.95 9.83 -11.57
N LEU A 109 -1.66 9.57 -11.51
CA LEU A 109 -0.63 10.45 -12.06
C LEU A 109 -0.73 11.81 -11.43
N TYR A 110 -1.08 11.88 -10.15
CA TYR A 110 -1.23 13.13 -9.48
C TYR A 110 0.12 13.85 -9.44
N PRO A 111 0.15 15.13 -9.83
CA PRO A 111 1.44 15.81 -9.88
C PRO A 111 2.04 16.16 -8.53
N ASP A 112 3.34 16.01 -8.41
CA ASP A 112 4.05 16.20 -7.18
C ASP A 112 3.80 17.57 -6.56
N PHE A 113 3.74 18.64 -7.37
CA PHE A 113 3.72 19.96 -6.74
C PHE A 113 2.46 20.23 -5.95
N LEU A 114 1.42 19.44 -6.17
CA LEU A 114 0.21 19.53 -5.37
C LEU A 114 0.29 18.74 -4.06
N CYS A 115 1.46 18.21 -3.75
CA CYS A 115 1.69 17.44 -2.52
C CYS A 115 2.78 18.11 -1.73
N LYS A 116 2.40 18.93 -0.76
CA LYS A 116 3.36 19.76 -0.01
C LYS A 116 3.09 19.67 1.48
N GLY A 117 4.15 19.62 2.26
CA GLY A 117 4.05 19.71 3.72
C GLY A 117 4.34 18.37 4.35
N GLU A 118 4.95 18.39 5.53
CA GLU A 118 5.25 17.15 6.24
C GLU A 118 4.00 16.75 7.00
N LEU A 119 3.69 15.45 7.00
N LEU A 119 3.70 15.45 7.00
CA LEU A 119 2.65 14.90 7.86
CA LEU A 119 2.64 14.88 7.82
C LEU A 119 3.31 13.75 8.55
C LEU A 119 3.32 13.74 8.55
N LYS A 120 3.33 13.80 9.88
CA LYS A 120 4.05 12.82 10.63
C LYS A 120 3.26 11.53 10.70
N CYS A 121 4.00 10.39 10.69
CA CYS A 121 3.41 9.10 10.90
C CYS A 121 2.91 8.91 12.32
#